data_2F4F
#
_entry.id   2F4F
#
_cell.length_a   91.930
_cell.length_b   67.924
_cell.length_c   65.332
_cell.angle_alpha   90.00
_cell.angle_beta   128.73
_cell.angle_gamma   90.00
#
_symmetry.space_group_name_H-M   'C 1 2 1'
#
loop_
_entity.id
_entity.type
_entity.pdbx_description
1 polymer 'Transposase, putative'
2 non-polymer 'MANGANESE (II) ION'
3 water water
#
_entity_poly.entity_id   1
_entity_poly.type   'polypeptide(L)'
_entity_poly.pdbx_seq_one_letter_code
;MELKSTRHTKYLCNYHFVWIPKHRRNTLVNEIAEYTKEVLKSIAEELGCEIIALEVMPDHIHLFVNCPPRYAPSYLANYF
KGKSARLILKKFPQLNKGKLWTRSYFVATAGNVSSEVIKKYIEEQWRKEGEEE
;
_entity_poly.pdbx_strand_id   A,B
#
loop_
_chem_comp.id
_chem_comp.type
_chem_comp.name
_chem_comp.formula
MN non-polymer 'MANGANESE (II) ION' 'Mn 2'
#
# COMPACT_ATOMS: atom_id res chain seq x y z
N GLU A 2 -5.73 11.95 -8.18
CA GLU A 2 -4.46 12.72 -8.38
C GLU A 2 -3.46 12.50 -7.27
N LEU A 3 -2.21 12.83 -7.54
CA LEU A 3 -1.15 12.70 -6.57
C LEU A 3 -1.53 13.61 -5.41
N LYS A 4 -1.19 13.21 -4.20
CA LYS A 4 -1.49 14.01 -3.03
C LYS A 4 -0.19 14.14 -2.25
N SER A 5 -0.20 14.97 -1.22
CA SER A 5 1.00 15.13 -0.42
C SER A 5 0.71 15.41 1.02
N THR A 6 1.67 15.04 1.86
CA THR A 6 1.57 15.23 3.29
C THR A 6 2.77 16.05 3.74
N ARG A 7 3.09 15.91 5.01
CA ARG A 7 4.21 16.59 5.62
C ARG A 7 5.41 16.52 4.69
N HIS A 8 5.97 15.33 4.56
CA HIS A 8 7.14 15.13 3.72
C HIS A 8 7.02 13.98 2.73
N THR A 9 5.85 13.84 2.12
CA THR A 9 5.65 12.78 1.14
C THR A 9 4.69 13.20 0.04
N LYS A 10 4.96 12.73 -1.17
CA LYS A 10 4.09 12.96 -2.32
C LYS A 10 3.59 11.53 -2.52
N TYR A 11 2.28 11.34 -2.58
CA TYR A 11 1.81 9.96 -2.71
C TYR A 11 0.57 9.72 -3.56
N LEU A 12 0.51 8.49 -4.06
CA LEU A 12 -0.59 7.98 -4.87
C LEU A 12 -0.72 6.55 -4.39
N CYS A 13 -1.66 6.32 -3.49
CA CYS A 13 -1.87 4.98 -2.94
C CYS A 13 -3.31 4.50 -3.14
N ASN A 14 -3.53 3.74 -4.20
CA ASN A 14 -4.85 3.19 -4.52
C ASN A 14 -4.85 1.68 -4.31
N TYR A 15 -5.90 1.17 -3.67
CA TYR A 15 -6.02 -0.26 -3.42
C TYR A 15 -7.42 -0.79 -3.71
N HIS A 16 -7.47 -2.02 -4.24
CA HIS A 16 -8.73 -2.70 -4.48
C HIS A 16 -8.84 -3.69 -3.32
N PHE A 17 -9.94 -3.63 -2.57
CA PHE A 17 -10.16 -4.57 -1.47
C PHE A 17 -11.42 -5.34 -1.83
N VAL A 18 -11.35 -6.65 -1.75
CA VAL A 18 -12.51 -7.49 -2.05
C VAL A 18 -12.66 -8.56 -0.98
N TRP A 19 -13.88 -8.72 -0.47
CA TRP A 19 -14.12 -9.75 0.54
C TRP A 19 -15.59 -10.15 0.47
N ILE A 20 -15.92 -11.30 1.05
CA ILE A 20 -17.30 -11.78 0.99
C ILE A 20 -17.92 -12.04 2.35
N PRO A 21 -19.26 -12.10 2.39
CA PRO A 21 -19.94 -12.37 3.67
C PRO A 21 -19.82 -13.89 3.95
N LYS A 22 -20.05 -14.30 5.21
CA LYS A 22 -19.95 -15.72 5.62
C LYS A 22 -21.32 -16.41 5.31
N HIS A 23 -21.24 -17.45 4.48
CA HIS A 23 -22.31 -18.32 3.91
C HIS A 23 -23.66 -17.65 3.63
N ARG A 24 -23.84 -16.38 3.96
CA ARG A 24 -25.12 -15.71 3.62
C ARG A 24 -24.87 -15.04 2.27
N ARG A 25 -25.35 -15.65 1.19
CA ARG A 25 -25.12 -15.09 -0.14
C ARG A 25 -26.32 -14.26 -0.61
N ASN A 26 -27.24 -14.00 0.31
CA ASN A 26 -28.44 -13.23 -0.01
C ASN A 26 -28.87 -12.32 1.14
N THR A 27 -27.90 -11.85 1.93
CA THR A 27 -28.19 -10.98 3.06
C THR A 27 -27.80 -9.52 2.81
N LEU A 28 -26.77 -9.31 1.99
CA LEU A 28 -26.33 -7.96 1.67
C LEU A 28 -27.25 -7.42 0.58
N VAL A 29 -28.50 -7.19 0.96
CA VAL A 29 -29.51 -6.68 0.06
C VAL A 29 -30.39 -5.68 0.81
N ASN A 30 -31.24 -4.97 0.07
CA ASN A 30 -32.17 -4.02 0.68
C ASN A 30 -31.55 -3.09 1.73
N GLU A 31 -32.20 -2.98 2.89
CA GLU A 31 -31.72 -2.12 3.97
C GLU A 31 -30.31 -2.44 4.46
N ILE A 32 -29.98 -3.73 4.49
CA ILE A 32 -28.67 -4.15 4.96
C ILE A 32 -27.57 -3.70 4.00
N ALA A 33 -27.82 -3.83 2.70
CA ALA A 33 -26.86 -3.41 1.70
C ALA A 33 -26.67 -1.89 1.78
N GLU A 34 -27.79 -1.19 1.93
CA GLU A 34 -27.79 0.27 2.02
C GLU A 34 -26.95 0.76 3.18
N TYR A 35 -27.19 0.21 4.36
CA TYR A 35 -26.46 0.58 5.56
C TYR A 35 -24.98 0.22 5.45
N THR A 36 -24.69 -0.92 4.83
CA THR A 36 -23.31 -1.35 4.67
C THR A 36 -22.53 -0.34 3.84
N LYS A 37 -23.17 0.17 2.78
CA LYS A 37 -22.52 1.17 1.94
C LYS A 37 -22.30 2.44 2.75
N GLU A 38 -23.31 2.87 3.51
CA GLU A 38 -23.20 4.07 4.33
C GLU A 38 -22.07 3.95 5.36
N VAL A 39 -21.99 2.81 6.01
CA VAL A 39 -20.96 2.55 7.02
C VAL A 39 -19.56 2.52 6.43
N LEU A 40 -19.40 1.90 5.26
CA LEU A 40 -18.08 1.84 4.65
C LEU A 40 -17.64 3.24 4.22
N LYS A 41 -18.59 4.06 3.79
CA LYS A 41 -18.26 5.43 3.39
C LYS A 41 -17.86 6.24 4.62
N SER A 42 -18.52 6.00 5.75
CA SER A 42 -18.20 6.72 6.98
C SER A 42 -16.82 6.34 7.49
N ILE A 43 -16.48 5.06 7.38
CA ILE A 43 -15.18 4.59 7.83
C ILE A 43 -14.07 5.18 6.97
N ALA A 44 -14.31 5.27 5.66
CA ALA A 44 -13.32 5.83 4.76
C ALA A 44 -13.06 7.29 5.15
N GLU A 45 -14.12 8.04 5.39
CA GLU A 45 -13.99 9.45 5.76
C GLU A 45 -13.23 9.57 7.08
N GLU A 46 -13.52 8.66 8.00
CA GLU A 46 -12.87 8.63 9.30
C GLU A 46 -11.35 8.49 9.16
N LEU A 47 -10.93 7.60 8.27
CA LEU A 47 -9.52 7.33 8.04
C LEU A 47 -8.81 8.31 7.09
N GLY A 48 -9.58 9.18 6.46
CA GLY A 48 -8.98 10.13 5.53
C GLY A 48 -8.77 9.54 4.16
N CYS A 49 -9.53 8.48 3.85
CA CYS A 49 -9.42 7.81 2.56
C CYS A 49 -10.49 8.31 1.60
N GLU A 50 -10.18 8.27 0.32
CA GLU A 50 -11.11 8.69 -0.72
C GLU A 50 -11.57 7.48 -1.53
N ILE A 51 -12.86 7.15 -1.41
CA ILE A 51 -13.40 6.02 -2.16
C ILE A 51 -13.48 6.38 -3.63
N ILE A 52 -12.87 5.55 -4.47
CA ILE A 52 -12.88 5.75 -5.91
C ILE A 52 -14.13 5.05 -6.46
N ALA A 53 -14.40 3.87 -5.95
CA ALA A 53 -15.58 3.11 -6.36
C ALA A 53 -15.91 2.08 -5.28
N LEU A 54 -17.18 1.97 -4.94
CA LEU A 54 -17.61 1.01 -3.94
C LEU A 54 -18.80 0.20 -4.44
N GLU A 55 -18.68 -1.12 -4.36
CA GLU A 55 -19.75 -2.02 -4.77
C GLU A 55 -20.12 -2.92 -3.60
N VAL A 56 -21.37 -2.86 -3.17
CA VAL A 56 -21.83 -3.73 -2.09
C VAL A 56 -22.83 -4.64 -2.80
N MET A 57 -22.41 -5.86 -3.12
CA MET A 57 -23.26 -6.82 -3.82
C MET A 57 -23.68 -7.95 -2.89
N PRO A 58 -24.71 -8.70 -3.27
CA PRO A 58 -25.16 -9.81 -2.43
C PRO A 58 -24.06 -10.83 -2.11
N ASP A 59 -23.11 -11.01 -3.02
CA ASP A 59 -22.05 -11.98 -2.78
C ASP A 59 -20.68 -11.41 -2.46
N HIS A 60 -20.53 -10.09 -2.43
CA HIS A 60 -19.21 -9.51 -2.13
C HIS A 60 -19.17 -7.99 -2.05
N ILE A 61 -18.06 -7.50 -1.50
CA ILE A 61 -17.81 -6.07 -1.40
C ILE A 61 -16.57 -5.81 -2.24
N HIS A 62 -16.63 -4.81 -3.11
CA HIS A 62 -15.46 -4.45 -3.89
C HIS A 62 -15.23 -2.97 -3.58
N LEU A 63 -14.20 -2.72 -2.78
CA LEU A 63 -13.85 -1.37 -2.33
C LEU A 63 -12.56 -0.92 -3.03
N PHE A 64 -12.66 0.13 -3.83
CA PHE A 64 -11.51 0.69 -4.55
C PHE A 64 -11.31 2.05 -3.90
N VAL A 65 -10.21 2.20 -3.18
CA VAL A 65 -9.97 3.41 -2.41
C VAL A 65 -8.55 3.97 -2.47
N ASN A 66 -8.48 5.30 -2.36
CA ASN A 66 -7.21 6.03 -2.35
C ASN A 66 -6.97 6.36 -0.87
N CYS A 67 -5.83 5.94 -0.34
CA CYS A 67 -5.54 6.13 1.08
C CYS A 67 -4.20 6.74 1.43
N PRO A 68 -4.09 7.33 2.64
CA PRO A 68 -2.87 7.95 3.16
C PRO A 68 -1.80 6.86 3.28
N PRO A 69 -0.52 7.20 3.02
CA PRO A 69 0.55 6.20 3.10
C PRO A 69 0.86 5.66 4.50
N ARG A 70 0.24 6.22 5.52
CA ARG A 70 0.47 5.79 6.89
C ARG A 70 -0.18 4.43 7.21
N TYR A 71 -1.14 4.01 6.38
CA TYR A 71 -1.86 2.75 6.61
C TYR A 71 -1.39 1.54 5.82
N ALA A 72 -1.33 0.40 6.51
CA ALA A 72 -0.95 -0.86 5.88
C ALA A 72 -2.22 -1.46 5.25
N PRO A 73 -2.10 -2.07 4.07
CA PRO A 73 -3.28 -2.67 3.44
C PRO A 73 -4.05 -3.60 4.36
N SER A 74 -3.33 -4.37 5.18
CA SER A 74 -3.98 -5.29 6.10
C SER A 74 -4.73 -4.57 7.20
N TYR A 75 -4.19 -3.43 7.64
CA TYR A 75 -4.85 -2.65 8.68
C TYR A 75 -6.16 -2.13 8.10
N LEU A 76 -6.09 -1.61 6.88
CA LEU A 76 -7.27 -1.07 6.21
C LEU A 76 -8.34 -2.14 6.01
N ALA A 77 -7.94 -3.29 5.46
CA ALA A 77 -8.88 -4.38 5.22
C ALA A 77 -9.56 -4.81 6.51
N ASN A 78 -8.77 -5.02 7.56
CA ASN A 78 -9.32 -5.46 8.83
C ASN A 78 -10.11 -4.39 9.58
N TYR A 79 -9.80 -3.13 9.32
CA TYR A 79 -10.52 -2.05 10.01
C TYR A 79 -11.87 -1.88 9.31
N PHE A 80 -11.84 -1.83 7.98
CA PHE A 80 -13.07 -1.69 7.21
C PHE A 80 -14.01 -2.86 7.52
N LYS A 81 -13.48 -4.08 7.52
CA LYS A 81 -14.30 -5.27 7.80
C LYS A 81 -14.73 -5.34 9.25
N GLY A 82 -13.77 -5.15 10.15
CA GLY A 82 -14.05 -5.22 11.58
C GLY A 82 -15.06 -4.20 12.06
N LYS A 83 -14.85 -2.93 11.74
CA LYS A 83 -15.78 -1.91 12.20
C LYS A 83 -17.15 -1.97 11.51
N SER A 84 -17.19 -2.31 10.23
CA SER A 84 -18.48 -2.38 9.55
C SER A 84 -19.30 -3.53 10.16
N ALA A 85 -18.64 -4.64 10.46
CA ALA A 85 -19.32 -5.79 11.04
C ALA A 85 -19.99 -5.40 12.36
N ARG A 86 -19.24 -4.73 13.23
CA ARG A 86 -19.79 -4.32 14.52
C ARG A 86 -21.03 -3.46 14.34
N LEU A 87 -20.93 -2.44 13.50
CA LEU A 87 -22.05 -1.53 13.24
C LEU A 87 -23.23 -2.23 12.58
N ILE A 88 -22.96 -3.09 11.61
CA ILE A 88 -24.03 -3.80 10.92
C ILE A 88 -24.78 -4.77 11.82
N LEU A 89 -24.06 -5.55 12.63
CA LEU A 89 -24.69 -6.50 13.53
C LEU A 89 -25.51 -5.76 14.57
N LYS A 90 -25.09 -4.55 14.89
CA LYS A 90 -25.80 -3.76 15.87
C LYS A 90 -27.14 -3.27 15.32
N LYS A 91 -27.14 -2.84 14.05
CA LYS A 91 -28.37 -2.33 13.45
C LYS A 91 -29.29 -3.46 12.98
N PHE A 92 -28.72 -4.59 12.60
CA PHE A 92 -29.51 -5.73 12.13
C PHE A 92 -29.19 -6.94 12.99
N PRO A 93 -29.81 -7.03 14.18
CA PRO A 93 -29.59 -8.13 15.12
C PRO A 93 -29.80 -9.55 14.60
N GLN A 94 -30.54 -9.69 13.51
CA GLN A 94 -30.74 -11.02 12.95
C GLN A 94 -29.44 -11.58 12.38
N LEU A 95 -28.42 -10.74 12.23
CA LEU A 95 -27.14 -11.17 11.69
C LEU A 95 -26.16 -11.50 12.81
N ASN A 96 -26.64 -11.47 14.04
CA ASN A 96 -25.80 -11.73 15.20
C ASN A 96 -25.27 -13.15 15.35
N LYS A 97 -25.56 -13.94 14.51
CA LYS A 97 -25.13 -15.34 14.56
C LYS A 97 -23.81 -15.57 13.84
N GLY A 98 -22.75 -15.74 14.60
CA GLY A 98 -21.44 -15.97 14.01
C GLY A 98 -20.87 -14.71 13.41
N LYS A 99 -19.76 -14.84 12.70
CA LYS A 99 -19.10 -13.69 12.07
C LYS A 99 -19.77 -13.28 10.76
N LEU A 100 -19.85 -11.97 10.54
CA LEU A 100 -20.46 -11.44 9.34
C LEU A 100 -19.60 -11.70 8.10
N TRP A 101 -18.29 -11.51 8.25
CA TRP A 101 -17.35 -11.71 7.15
C TRP A 101 -16.49 -12.95 7.41
N THR A 102 -15.80 -13.42 6.37
CA THR A 102 -14.90 -14.55 6.54
C THR A 102 -13.58 -13.90 6.96
N ARG A 103 -12.54 -14.70 7.22
CA ARG A 103 -11.29 -14.10 7.63
C ARG A 103 -10.39 -13.75 6.45
N SER A 104 -10.85 -14.04 5.25
CA SER A 104 -10.07 -13.76 4.06
C SER A 104 -10.41 -12.44 3.37
N TYR A 105 -9.47 -11.95 2.57
CA TYR A 105 -9.70 -10.75 1.81
C TYR A 105 -8.66 -10.71 0.71
N PHE A 106 -8.97 -9.95 -0.34
CA PHE A 106 -8.09 -9.79 -1.47
C PHE A 106 -7.71 -8.32 -1.53
N VAL A 107 -6.45 -8.05 -1.85
CA VAL A 107 -6.01 -6.66 -1.97
C VAL A 107 -5.00 -6.55 -3.09
N ALA A 108 -5.16 -5.52 -3.92
CA ALA A 108 -4.25 -5.30 -5.03
C ALA A 108 -4.02 -3.81 -5.20
N THR A 109 -2.75 -3.43 -5.31
CA THR A 109 -2.41 -2.04 -5.51
C THR A 109 -2.82 -1.68 -6.94
N ALA A 110 -3.10 -0.38 -7.17
CA ALA A 110 -3.51 0.08 -8.50
C ALA A 110 -2.79 1.38 -8.82
N GLY A 111 -2.45 1.55 -10.09
CA GLY A 111 -1.78 2.76 -10.52
C GLY A 111 -0.84 2.59 -11.70
N ASN A 112 -0.67 3.67 -12.46
CA ASN A 112 0.21 3.72 -13.63
C ASN A 112 0.86 5.09 -13.65
N VAL A 113 1.65 5.39 -12.61
CA VAL A 113 2.32 6.69 -12.52
C VAL A 113 3.27 6.93 -13.68
N SER A 114 3.27 8.15 -14.21
CA SER A 114 4.13 8.51 -15.34
C SER A 114 5.53 8.91 -14.92
N SER A 115 6.49 8.75 -15.83
CA SER A 115 7.86 9.12 -15.54
C SER A 115 7.96 10.63 -15.30
N GLU A 116 7.09 11.39 -15.95
CA GLU A 116 7.10 12.85 -15.80
C GLU A 116 6.79 13.28 -14.37
N VAL A 117 5.85 12.59 -13.74
CA VAL A 117 5.48 12.90 -12.36
C VAL A 117 6.67 12.62 -11.45
N ILE A 118 7.32 11.48 -11.66
CA ILE A 118 8.48 11.11 -10.86
C ILE A 118 9.64 12.08 -11.10
N LYS A 119 9.88 12.40 -12.36
CA LYS A 119 10.97 13.33 -12.72
C LYS A 119 10.75 14.68 -12.06
N LYS A 120 9.50 15.14 -12.06
CA LYS A 120 9.16 16.41 -11.45
C LYS A 120 9.41 16.39 -9.95
N TYR A 121 9.07 15.26 -9.31
CA TYR A 121 9.27 15.14 -7.88
C TYR A 121 10.76 15.26 -7.55
N ILE A 122 11.59 14.58 -8.34
CA ILE A 122 13.02 14.61 -8.13
C ILE A 122 13.60 16.02 -8.30
N GLU A 123 13.18 16.70 -9.37
CA GLU A 123 13.67 18.05 -9.61
C GLU A 123 13.17 19.06 -8.58
N GLU A 124 11.94 18.88 -8.10
CA GLU A 124 11.39 19.76 -7.08
C GLU A 124 12.13 19.61 -5.76
N GLN A 125 12.51 18.38 -5.42
CA GLN A 125 13.22 18.15 -4.17
C GLN A 125 14.61 18.79 -4.20
N TRP A 126 15.29 18.70 -5.33
CA TRP A 126 16.62 19.30 -5.46
C TRP A 126 16.51 20.81 -5.49
N ARG A 127 15.40 21.32 -6.04
CA ARG A 127 15.20 22.76 -6.10
C ARG A 127 15.00 23.29 -4.69
N LYS A 128 14.29 22.52 -3.87
CA LYS A 128 14.03 22.91 -2.50
C LYS A 128 15.25 22.70 -1.59
N GLU A 129 15.91 21.57 -1.75
CA GLU A 129 17.08 21.22 -0.94
C GLU A 129 18.34 22.00 -1.24
N GLY A 130 18.63 22.17 -2.52
CA GLY A 130 19.84 22.86 -2.93
C GLY A 130 20.90 21.80 -3.13
N GLU A 131 22.01 22.16 -3.77
CA GLU A 131 23.08 21.21 -3.99
C GLU A 131 24.42 21.78 -3.56
N GLU B 2 3.50 -11.78 -9.76
CA GLU B 2 2.23 -12.55 -9.64
C GLU B 2 1.53 -12.36 -8.31
N LEU B 3 0.28 -12.80 -8.25
CA LEU B 3 -0.50 -12.71 -7.01
C LEU B 3 0.10 -13.69 -6.02
N LYS B 4 0.19 -13.25 -4.76
CA LYS B 4 0.73 -14.07 -3.71
C LYS B 4 -0.33 -14.33 -2.66
N SER B 5 -0.10 -15.35 -1.83
CA SER B 5 -1.06 -15.72 -0.77
C SER B 5 -0.41 -15.84 0.61
N THR B 6 -1.17 -15.46 1.62
CA THR B 6 -0.72 -15.51 3.01
C THR B 6 -1.78 -16.32 3.71
N ARG B 7 -1.83 -16.21 5.03
CA ARG B 7 -2.80 -16.90 5.88
C ARG B 7 -4.18 -16.90 5.23
N HIS B 8 -4.84 -15.75 5.33
CA HIS B 8 -6.18 -15.54 4.80
C HIS B 8 -6.12 -14.32 3.86
N THR B 9 -5.19 -14.41 2.84
CA THR B 9 -5.03 -13.24 2.00
C THR B 9 -4.43 -13.56 0.64
N LYS B 10 -4.94 -12.88 -0.38
CA LYS B 10 -4.45 -13.00 -1.75
C LYS B 10 -4.06 -11.55 -2.00
N TYR B 11 -2.85 -11.30 -2.46
CA TYR B 11 -2.44 -9.93 -2.65
C TYR B 11 -1.41 -9.68 -3.72
N LEU B 12 -1.40 -8.44 -4.18
CA LEU B 12 -0.45 -7.97 -5.16
C LEU B 12 -0.26 -6.51 -4.76
N CYS B 13 0.83 -6.24 -4.06
CA CYS B 13 1.12 -4.88 -3.60
C CYS B 13 2.46 -4.41 -4.12
N ASN B 14 2.43 -3.60 -5.18
CA ASN B 14 3.64 -3.05 -5.78
C ASN B 14 3.70 -1.56 -5.51
N TYR B 15 4.89 -1.07 -5.17
CA TYR B 15 5.06 0.35 -4.87
C TYR B 15 6.33 0.91 -5.50
N HIS B 16 6.25 2.16 -5.96
CA HIS B 16 7.40 2.87 -6.48
C HIS B 16 7.80 3.74 -5.30
N PHE B 17 9.07 3.69 -4.90
CA PHE B 17 9.56 4.54 -3.81
C PHE B 17 10.69 5.35 -4.45
N VAL B 18 10.63 6.68 -4.30
CA VAL B 18 11.67 7.54 -4.85
C VAL B 18 12.08 8.56 -3.80
N TRP B 19 13.38 8.78 -3.67
CA TRP B 19 13.88 9.78 -2.73
C TRP B 19 15.27 10.22 -3.19
N ILE B 20 15.75 11.35 -2.68
CA ILE B 20 17.06 11.82 -3.10
C ILE B 20 18.04 11.97 -1.96
N PRO B 21 19.35 11.92 -2.26
CA PRO B 21 20.39 12.08 -1.24
C PRO B 21 20.33 13.55 -0.82
N LYS B 22 20.69 13.86 0.41
CA LYS B 22 20.60 15.25 0.84
C LYS B 22 21.27 16.24 -0.12
N HIS B 23 22.42 16.81 0.22
CA HIS B 23 22.95 17.83 -0.69
C HIS B 23 23.92 17.62 -1.83
N ARG B 24 24.52 16.45 -1.99
CA ARG B 24 25.42 16.33 -3.13
C ARG B 24 24.88 15.41 -4.23
N ARG B 25 24.82 15.95 -5.45
CA ARG B 25 24.30 15.22 -6.60
C ARG B 25 25.23 14.16 -7.15
N ASN B 26 26.43 14.04 -6.60
CA ASN B 26 27.34 13.01 -7.07
C ASN B 26 27.83 12.25 -5.84
N THR B 27 26.85 11.84 -5.04
CA THR B 27 27.07 11.09 -3.81
C THR B 27 27.03 9.59 -4.07
N LEU B 28 25.89 9.15 -4.59
CA LEU B 28 25.67 7.74 -4.87
C LEU B 28 26.37 7.29 -6.15
N VAL B 29 27.69 7.16 -6.07
CA VAL B 29 28.49 6.74 -7.21
C VAL B 29 29.54 5.72 -6.77
N ASN B 30 30.15 5.07 -7.75
CA ASN B 30 31.20 4.09 -7.50
C ASN B 30 30.90 3.11 -6.35
N GLU B 31 31.85 2.94 -5.43
CA GLU B 31 31.65 2.01 -4.32
C GLU B 31 30.47 2.34 -3.41
N ILE B 32 30.18 3.63 -3.27
CA ILE B 32 29.07 4.06 -2.43
C ILE B 32 27.76 3.60 -3.04
N ALA B 33 27.66 3.69 -4.37
CA ALA B 33 26.46 3.25 -5.05
C ALA B 33 26.34 1.73 -4.96
N GLU B 34 27.47 1.02 -5.11
CA GLU B 34 27.39 -0.44 -5.03
C GLU B 34 26.96 -0.90 -3.65
N TYR B 35 27.49 -0.29 -2.59
CA TYR B 35 27.10 -0.67 -1.24
C TYR B 35 25.64 -0.30 -0.96
N THR B 36 25.18 0.79 -1.55
CA THR B 36 23.80 1.23 -1.36
C THR B 36 22.82 0.19 -1.94
N LYS B 37 23.14 -0.35 -3.11
CA LYS B 37 22.27 -1.36 -3.72
C LYS B 37 22.24 -2.62 -2.88
N GLU B 38 23.42 -3.00 -2.39
CA GLU B 38 23.56 -4.18 -1.55
C GLU B 38 22.71 -4.08 -0.28
N VAL B 39 22.79 -2.96 0.44
CA VAL B 39 22.02 -2.81 1.66
C VAL B 39 20.51 -2.71 1.39
N LEU B 40 20.11 -2.07 0.31
CA LEU B 40 18.68 -1.97 0.02
C LEU B 40 18.14 -3.38 -0.30
N LYS B 41 18.94 -4.19 -1.00
CA LYS B 41 18.51 -5.55 -1.30
C LYS B 41 18.40 -6.35 -0.03
N SER B 42 19.36 -6.13 0.88
CA SER B 42 19.39 -6.82 2.17
C SER B 42 18.17 -6.48 3.02
N ILE B 43 17.77 -5.21 3.00
CA ILE B 43 16.62 -4.77 3.77
C ILE B 43 15.33 -5.36 3.19
N ALA B 44 15.25 -5.40 1.86
CA ALA B 44 14.09 -5.94 1.18
C ALA B 44 13.90 -7.40 1.61
N GLU B 45 15.00 -8.14 1.62
CA GLU B 45 14.97 -9.55 2.00
C GLU B 45 14.52 -9.70 3.46
N GLU B 46 14.99 -8.78 4.30
CA GLU B 46 14.63 -8.79 5.72
C GLU B 46 13.12 -8.63 5.91
N LEU B 47 12.51 -7.82 5.06
CA LEU B 47 11.08 -7.54 5.16
C LEU B 47 10.20 -8.45 4.30
N GLY B 48 10.82 -9.42 3.65
CA GLY B 48 10.06 -10.34 2.81
C GLY B 48 9.53 -9.68 1.55
N CYS B 49 10.22 -8.64 1.09
CA CYS B 49 9.81 -7.92 -0.11
C CYS B 49 10.65 -8.37 -1.30
N GLU B 50 10.04 -8.35 -2.47
CA GLU B 50 10.68 -8.74 -3.72
C GLU B 50 10.93 -7.49 -4.56
N ILE B 51 12.19 -7.18 -4.81
CA ILE B 51 12.52 -6.01 -5.61
C ILE B 51 12.24 -6.31 -7.08
N ILE B 52 11.48 -5.44 -7.72
CA ILE B 52 11.15 -5.62 -9.13
C ILE B 52 12.23 -4.89 -9.93
N ALA B 53 12.56 -3.68 -9.48
CA ALA B 53 13.59 -2.88 -10.14
C ALA B 53 14.18 -1.93 -9.11
N LEU B 54 15.49 -1.73 -9.19
CA LEU B 54 16.16 -0.81 -8.27
C LEU B 54 17.18 0.01 -9.04
N GLU B 55 17.06 1.32 -8.93
CA GLU B 55 17.99 2.23 -9.59
C GLU B 55 18.63 3.13 -8.55
N VAL B 56 19.95 3.07 -8.44
CA VAL B 56 20.68 3.94 -7.53
C VAL B 56 21.48 4.85 -8.45
N MET B 57 20.95 6.04 -8.64
CA MET B 57 21.57 7.03 -9.50
C MET B 57 22.24 8.11 -8.66
N PRO B 58 23.15 8.88 -9.26
CA PRO B 58 23.83 9.93 -8.50
C PRO B 58 22.90 10.88 -7.75
N ASP B 59 21.76 11.21 -8.35
CA ASP B 59 20.84 12.15 -7.72
C ASP B 59 19.52 11.61 -7.16
N HIS B 60 19.33 10.29 -7.17
CA HIS B 60 18.11 9.73 -6.62
C HIS B 60 18.09 8.21 -6.63
N ILE B 61 17.17 7.66 -5.86
CA ILE B 61 16.98 6.22 -5.80
C ILE B 61 15.56 5.96 -6.27
N HIS B 62 15.39 4.96 -7.13
CA HIS B 62 14.05 4.58 -7.58
C HIS B 62 13.93 3.11 -7.28
N LEU B 63 13.14 2.80 -6.25
CA LEU B 63 12.92 1.43 -5.81
C LEU B 63 11.50 0.99 -6.15
N PHE B 64 11.38 -0.01 -7.01
CA PHE B 64 10.08 -0.53 -7.39
C PHE B 64 10.02 -1.91 -6.72
N VAL B 65 9.12 -2.08 -5.76
CA VAL B 65 9.08 -3.32 -4.99
C VAL B 65 7.71 -3.91 -4.67
N ASN B 66 7.65 -5.24 -4.60
CA ASN B 66 6.44 -5.99 -4.27
C ASN B 66 6.56 -6.36 -2.78
N CYS B 67 5.60 -5.92 -1.98
CA CYS B 67 5.65 -6.16 -0.54
C CYS B 67 4.41 -6.80 0.07
N PRO B 68 4.57 -7.44 1.25
CA PRO B 68 3.46 -8.09 1.96
C PRO B 68 2.50 -6.98 2.39
N PRO B 69 1.20 -7.29 2.49
CA PRO B 69 0.19 -6.31 2.89
C PRO B 69 0.22 -5.82 4.33
N ARG B 70 1.04 -6.44 5.18
CA ARG B 70 1.12 -6.01 6.57
C ARG B 70 1.89 -4.71 6.75
N TYR B 71 2.54 -4.24 5.67
CA TYR B 71 3.33 -3.03 5.75
C TYR B 71 2.71 -1.80 5.12
N ALA B 72 2.77 -0.68 5.83
CA ALA B 72 2.26 0.58 5.31
C ALA B 72 3.37 1.20 4.45
N PRO B 73 3.00 1.93 3.40
CA PRO B 73 4.02 2.55 2.54
C PRO B 73 4.99 3.43 3.33
N SER B 74 4.48 4.16 4.33
CA SER B 74 5.34 5.01 5.14
C SER B 74 6.31 4.20 5.99
N TYR B 75 5.81 3.08 6.51
CA TYR B 75 6.65 2.20 7.33
C TYR B 75 7.78 1.68 6.48
N LEU B 76 7.45 1.25 5.26
CA LEU B 76 8.45 0.73 4.34
C LEU B 76 9.47 1.78 3.93
N ALA B 77 9.01 2.96 3.54
CA ALA B 77 9.92 4.03 3.13
C ALA B 77 10.90 4.36 4.26
N ASN B 78 10.38 4.54 5.46
CA ASN B 78 11.24 4.89 6.57
C ASN B 78 12.20 3.78 6.97
N TYR B 79 11.80 2.53 6.76
CA TYR B 79 12.66 1.38 7.07
C TYR B 79 13.82 1.34 6.07
N PHE B 80 13.48 1.42 4.77
CA PHE B 80 14.49 1.40 3.71
C PHE B 80 15.45 2.60 3.83
N LYS B 81 14.90 3.80 3.99
CA LYS B 81 15.72 5.01 4.09
C LYS B 81 16.51 5.07 5.38
N GLY B 82 15.82 4.87 6.50
CA GLY B 82 16.45 4.94 7.80
C GLY B 82 17.53 3.90 8.03
N LYS B 83 17.26 2.64 7.69
CA LYS B 83 18.26 1.61 7.91
C LYS B 83 19.41 1.71 6.91
N SER B 84 19.11 2.07 5.66
CA SER B 84 20.18 2.17 4.68
C SER B 84 21.12 3.32 5.03
N ALA B 85 20.57 4.44 5.49
CA ALA B 85 21.39 5.59 5.86
C ALA B 85 22.35 5.26 6.99
N ARG B 86 21.86 4.55 8.02
CA ARG B 86 22.70 4.16 9.15
C ARG B 86 23.88 3.32 8.67
N LEU B 87 23.59 2.35 7.81
CA LEU B 87 24.63 1.47 7.30
C LEU B 87 25.61 2.17 6.37
N ILE B 88 25.10 3.00 5.47
CA ILE B 88 25.96 3.72 4.52
C ILE B 88 26.88 4.70 5.23
N LEU B 89 26.34 5.47 6.16
CA LEU B 89 27.15 6.45 6.88
C LEU B 89 28.18 5.76 7.78
N LYS B 90 27.81 4.61 8.33
CA LYS B 90 28.70 3.85 9.19
C LYS B 90 29.86 3.30 8.37
N LYS B 91 29.59 2.95 7.11
CA LYS B 91 30.61 2.39 6.25
C LYS B 91 31.58 3.40 5.63
N PHE B 92 31.08 4.57 5.23
CA PHE B 92 31.94 5.56 4.60
C PHE B 92 32.11 6.82 5.44
N PRO B 93 33.21 6.92 6.18
CA PRO B 93 33.52 8.08 7.05
C PRO B 93 33.41 9.44 6.36
N GLN B 94 33.97 9.53 5.09
CA GLN B 94 33.95 10.79 4.37
C GLN B 94 32.57 11.39 4.19
N LEU B 95 31.55 10.67 4.66
CA LEU B 95 30.18 11.17 4.62
C LEU B 95 29.88 11.60 6.08
N ASN B 96 29.02 10.93 6.74
CA ASN B 96 28.86 11.04 8.20
C ASN B 96 28.79 12.50 8.71
N LYS B 97 28.41 13.43 7.84
CA LYS B 97 28.36 14.84 8.22
C LYS B 97 26.95 15.41 8.49
N GLY B 98 26.08 14.80 9.00
CA GLY B 98 24.66 15.02 8.94
C GLY B 98 23.88 13.89 8.29
N LYS B 99 22.67 14.21 7.87
CA LYS B 99 21.78 13.23 7.25
C LYS B 99 22.17 12.89 5.82
N LEU B 100 22.01 11.62 5.45
CA LEU B 100 22.33 11.18 4.11
C LEU B 100 21.17 11.51 3.17
N TRP B 101 19.94 11.24 3.67
CA TRP B 101 18.75 11.55 2.86
C TRP B 101 18.03 12.79 3.36
N THR B 102 17.06 13.26 2.59
CA THR B 102 16.26 14.39 3.01
C THR B 102 15.11 13.72 3.75
N ARG B 103 14.18 14.48 4.33
CA ARG B 103 13.10 13.84 5.05
C ARG B 103 11.87 13.58 4.20
N SER B 104 11.98 13.81 2.90
CA SER B 104 10.86 13.58 2.00
C SER B 104 11.05 12.32 1.15
N TYR B 105 9.94 11.78 0.67
CA TYR B 105 9.98 10.62 -0.22
C TYR B 105 8.69 10.61 -1.01
N PHE B 106 8.73 9.91 -2.15
CA PHE B 106 7.59 9.79 -3.04
C PHE B 106 7.22 8.31 -3.10
N VAL B 107 5.92 8.01 -3.01
CA VAL B 107 5.46 6.63 -3.11
C VAL B 107 4.22 6.58 -4.01
N ALA B 108 4.17 5.58 -4.88
CA ALA B 108 3.02 5.41 -5.77
C ALA B 108 2.72 3.94 -5.96
N THR B 109 1.46 3.55 -5.74
CA THR B 109 1.06 2.16 -5.92
C THR B 109 1.07 1.86 -7.42
N ALA B 110 1.25 0.59 -7.77
CA ALA B 110 1.29 0.17 -9.16
C ALA B 110 0.49 -1.12 -9.32
N GLY B 111 -0.22 -1.24 -10.44
CA GLY B 111 -1.00 -2.43 -10.71
C GLY B 111 -2.23 -2.18 -11.55
N ASN B 112 -2.71 -3.24 -12.19
CA ASN B 112 -3.89 -3.16 -13.04
C ASN B 112 -4.68 -4.47 -12.92
N VAL B 113 -5.41 -4.58 -11.82
CA VAL B 113 -6.23 -5.75 -11.52
C VAL B 113 -7.33 -5.93 -12.56
N SER B 114 -7.38 -7.11 -13.17
CA SER B 114 -8.42 -7.38 -14.18
C SER B 114 -9.69 -7.81 -13.45
N SER B 115 -10.85 -7.54 -14.04
CA SER B 115 -12.10 -7.91 -13.39
C SER B 115 -12.25 -9.44 -13.32
N GLU B 116 -11.53 -10.14 -14.18
CA GLU B 116 -11.57 -11.59 -14.22
C GLU B 116 -10.87 -12.16 -12.98
N VAL B 117 -9.78 -11.51 -12.58
CA VAL B 117 -9.04 -11.94 -11.40
C VAL B 117 -9.88 -11.72 -10.14
N ILE B 118 -10.62 -10.61 -10.11
CA ILE B 118 -11.48 -10.33 -8.96
C ILE B 118 -12.64 -11.33 -8.94
N LYS B 119 -13.27 -11.54 -10.09
CA LYS B 119 -14.39 -12.48 -10.19
C LYS B 119 -13.99 -13.86 -9.71
N LYS B 120 -12.82 -14.29 -10.14
CA LYS B 120 -12.28 -15.59 -9.75
C LYS B 120 -12.04 -15.71 -8.24
N TYR B 121 -11.50 -14.65 -7.62
CA TYR B 121 -11.26 -14.70 -6.20
C TYR B 121 -12.59 -14.87 -5.44
N ILE B 122 -13.61 -14.16 -5.89
CA ILE B 122 -14.92 -14.23 -5.26
C ILE B 122 -15.49 -15.65 -5.37
N GLU B 123 -15.42 -16.21 -6.59
CA GLU B 123 -15.93 -17.56 -6.82
C GLU B 123 -15.18 -18.57 -5.95
N GLU B 124 -13.87 -18.37 -5.81
CA GLU B 124 -13.05 -19.27 -5.01
C GLU B 124 -13.42 -19.20 -3.52
N GLN B 125 -13.64 -18.01 -3.00
CA GLN B 125 -13.99 -17.87 -1.59
C GLN B 125 -15.32 -18.55 -1.28
N TRP B 126 -16.28 -18.41 -2.19
CA TRP B 126 -17.58 -19.03 -1.96
C TRP B 126 -17.47 -20.56 -2.08
N ARG B 127 -16.63 -21.02 -3.00
CA ARG B 127 -16.42 -22.46 -3.20
C ARG B 127 -15.81 -23.05 -1.93
N LYS B 128 -14.89 -22.31 -1.35
CA LYS B 128 -14.18 -22.70 -0.14
C LYS B 128 -15.04 -22.64 1.13
N GLU B 129 -15.71 -21.51 1.33
CA GLU B 129 -16.53 -21.28 2.51
C GLU B 129 -17.91 -21.96 2.51
N GLY B 130 -18.53 -22.09 1.35
CA GLY B 130 -19.85 -22.71 1.30
C GLY B 130 -20.94 -21.66 1.39
N GLU B 131 -22.16 -22.06 1.06
CA GLU B 131 -23.30 -21.15 1.07
C GLU B 131 -24.42 -21.65 1.97
MN MN C . -16.05 -4.78 -9.09
MN MN D . 13.36 5.06 -12.70
#